data_9OB2
#
_entry.id   9OB2
#
_cell.length_a   101.140
_cell.length_b   101.140
_cell.length_c   150.910
_cell.angle_alpha   90.000
_cell.angle_beta   90.000
_cell.angle_gamma   90.000
#
_symmetry.space_group_name_H-M   'P 41 21 2'
#
loop_
_entity.id
_entity.type
_entity.pdbx_description
1 polymer 'Cyclin-dependent kinase 2'
2 polymer 'G1/S-specific cyclin-E1'
3 non-polymer '(1R,3R)-3-(3-{2-[4-(methanesulfonyl)phenyl]acetamido}-1H-pyrazol-5-yl)cyclopentyl (1-methylcyclopropyl)carbamate'
4 water water
#
loop_
_entity_poly.entity_id
_entity_poly.type
_entity_poly.pdbx_seq_one_letter_code
_entity_poly.pdbx_strand_id
1 'polypeptide(L)'
;SHMMENFQKVEKIGEGTYGVVYKARNKLTGEVVALKKIRLDTETEGVPSTAIREISLLKELNHPNIVKLLDVIHTENKLY
LVFEFLHQDLKKFMDASALTGIPLPLIKSYLFQLLQGLAFCHSHRVLHRDLKPQNLLINTEGAIKLADFGLARAFGVPVR
TY(TPO)HEVVTLWYRAPEILLGCKYYSTAVDIWSLGCIFAEMVTRRALFPGDSEIDQLFRIFRTLGTPDEVVWPGVTSM
PDYKPSFPKWARQDFSKVVPPLDEDGRSLLSQMLHYDPNKRISAKAALAHPFFQDVTKPVPHLRL
;
A
2 'polypeptide(L)'
;GSIIAPSRGSPLPVLSWANREEVWKIMLNKEKTYLRDQHFLEQHPLLQPKMRAILLDWLMEVCEVYKLHRETFYLAQDFF
DRYMATQENVVKTLLQLIGISSLFIAAKLEEIYPPKLHQFAYVTDGACSGDEILTMELMIMKALKWRLSPLTIVSWLNVY
MQVAYLNDLHEVLLPQYPQQIFIQIAELLDLCVLDVDCLEFPYGILAASALYHFSSSELMQKVSGYQWCDIENCVKWMVP
FAMVIRETGSSKLKHFRGVADEDAHNIQTHRDSLDLLDKARAKKA
;
B
#
loop_
_chem_comp.id
_chem_comp.type
_chem_comp.name
_chem_comp.formula
A1CAE non-polymer '(1R,3R)-3-(3-{2-[4-(methanesulfonyl)phenyl]acetamido}-1H-pyrazol-5-yl)cyclopentyl (1-methylcyclopropyl)carbamate' 'C22 H28 N4 O5 S'
#
# COMPACT_ATOMS: atom_id res chain seq x y z
N MET A 4 6.33 19.28 -22.36
CA MET A 4 6.75 18.11 -23.11
C MET A 4 7.42 18.48 -24.42
N GLU A 5 8.20 19.57 -24.40
CA GLU A 5 8.87 20.04 -25.60
C GLU A 5 10.29 19.50 -25.75
N ASN A 6 11.06 19.48 -24.66
CA ASN A 6 12.46 19.06 -24.71
C ASN A 6 12.65 17.56 -24.91
N PHE A 7 11.57 16.78 -24.93
CA PHE A 7 11.68 15.33 -25.08
C PHE A 7 11.35 14.90 -26.51
N GLN A 8 12.16 14.00 -27.03
CA GLN A 8 12.01 13.47 -28.38
C GLN A 8 12.02 11.96 -28.31
N LYS A 9 10.92 11.34 -28.75
CA LYS A 9 10.82 9.88 -28.70
C LYS A 9 11.83 9.25 -29.63
N VAL A 10 12.50 8.20 -29.14
CA VAL A 10 13.53 7.49 -29.88
C VAL A 10 13.04 6.12 -30.33
N GLU A 11 12.41 5.37 -29.43
CA GLU A 11 11.93 4.04 -29.75
C GLU A 11 10.87 3.64 -28.74
N LYS A 12 9.91 2.83 -29.18
CA LYS A 12 8.89 2.29 -28.29
C LYS A 12 9.48 1.11 -27.53
N ILE A 13 9.46 1.19 -26.20
CA ILE A 13 9.98 0.10 -25.37
C ILE A 13 8.99 -1.05 -25.31
N GLY A 14 7.71 -0.74 -25.16
N GLY A 14 7.70 -0.74 -25.21
CA GLY A 14 6.70 -1.77 -25.02
CA GLY A 14 6.68 -1.77 -25.25
C GLY A 14 5.36 -1.16 -24.71
C GLY A 14 5.32 -1.29 -24.80
N GLU A 15 4.36 -2.02 -24.62
N GLU A 15 4.28 -2.07 -25.11
CA GLU A 15 2.98 -1.60 -24.39
CA GLU A 15 2.92 -1.80 -24.65
C GLU A 15 2.36 -2.40 -23.26
C GLU A 15 2.37 -3.04 -23.98
N GLY A 16 1.63 -1.71 -22.39
N GLY A 16 1.93 -2.90 -22.74
CA GLY A 16 0.87 -2.36 -21.32
CA GLY A 16 1.43 -4.01 -21.95
C GLY A 16 -0.61 -2.12 -21.46
C GLY A 16 0.42 -3.51 -20.94
N THR A 17 -1.35 -2.33 -20.37
N THR A 17 0.28 -4.26 -19.85
CA THR A 17 -2.80 -2.14 -20.39
CA THR A 17 -0.59 -3.84 -18.76
C THR A 17 -3.16 -0.68 -20.59
C THR A 17 -0.12 -2.53 -18.14
N TYR A 18 -2.82 0.17 -19.62
N TYR A 18 1.18 -2.27 -18.19
CA TYR A 18 -3.13 1.60 -19.71
CA TYR A 18 1.71 -1.01 -17.67
C TYR A 18 -1.98 2.42 -20.27
C TYR A 18 1.25 0.19 -18.49
N GLY A 19 -0.75 1.93 -20.15
N GLY A 19 1.04 0.01 -19.78
CA GLY A 19 0.43 2.73 -20.47
CA GLY A 19 0.70 1.12 -20.65
C GLY A 19 1.24 2.13 -21.60
C GLY A 19 1.58 1.18 -21.87
N VAL A 20 1.67 2.99 -22.52
N VAL A 20 1.78 2.38 -22.42
CA VAL A 20 2.64 2.64 -23.55
CA VAL A 20 2.64 2.59 -23.58
C VAL A 20 3.94 3.35 -23.20
C VAL A 20 3.90 3.29 -23.10
N VAL A 21 5.04 2.59 -23.18
CA VAL A 21 6.33 3.11 -22.72
C VAL A 21 7.20 3.38 -23.92
N TYR A 22 7.69 4.62 -24.02
CA TYR A 22 8.63 5.02 -25.06
C TYR A 22 9.97 5.37 -24.44
N LYS A 23 11.03 5.19 -25.21
CA LYS A 23 12.35 5.70 -24.87
C LYS A 23 12.51 7.09 -25.47
N ALA A 24 12.67 8.10 -24.62
CA ALA A 24 12.80 9.48 -25.07
C ALA A 24 14.20 9.99 -24.73
N ARG A 25 14.58 11.08 -25.40
CA ARG A 25 15.90 11.67 -25.24
C ARG A 25 15.76 13.18 -25.16
N ASN A 26 16.27 13.76 -24.08
CA ASN A 26 16.27 15.22 -23.95
C ASN A 26 17.26 15.83 -24.93
N LYS A 27 16.79 16.80 -25.71
CA LYS A 27 17.62 17.34 -26.78
C LYS A 27 18.69 18.30 -26.25
N LEU A 28 18.39 19.02 -25.17
CA LEU A 28 19.35 20.00 -24.65
C LEU A 28 20.38 19.34 -23.73
N THR A 29 19.94 18.46 -22.84
CA THR A 29 20.82 17.88 -21.84
C THR A 29 21.40 16.53 -22.24
N GLY A 30 20.84 15.88 -23.26
CA GLY A 30 21.27 14.53 -23.62
C GLY A 30 20.71 13.43 -22.75
N GLU A 31 19.89 13.77 -21.75
CA GLU A 31 19.30 12.75 -20.90
C GLU A 31 18.34 11.87 -21.68
N VAL A 32 18.35 10.58 -21.36
CA VAL A 32 17.36 9.63 -21.86
C VAL A 32 16.47 9.21 -20.70
N VAL A 33 15.18 9.10 -20.97
CA VAL A 33 14.20 8.71 -19.97
C VAL A 33 13.24 7.70 -20.59
N ALA A 34 12.53 6.99 -19.73
CA ALA A 34 11.45 6.12 -20.16
C ALA A 34 10.13 6.84 -19.92
N LEU A 35 9.35 7.01 -20.98
CA LEU A 35 8.16 7.85 -20.96
C LEU A 35 6.93 6.97 -21.08
N LYS A 36 6.14 6.87 -20.01
CA LYS A 36 4.89 6.12 -20.02
C LYS A 36 3.76 7.06 -20.41
N LYS A 37 3.05 6.73 -21.50
CA LYS A 37 1.99 7.55 -22.05
C LYS A 37 0.64 6.98 -21.63
N ILE A 38 -0.23 7.85 -21.11
CA ILE A 38 -1.57 7.46 -20.69
C ILE A 38 -2.56 8.37 -21.41
N ARG A 39 -3.39 7.79 -22.27
CA ARG A 39 -4.39 8.55 -23.03
C ARG A 39 -5.64 8.67 -22.16
N LEU A 40 -5.93 9.88 -21.69
CA LEU A 40 -7.06 10.08 -20.78
C LEU A 40 -8.40 10.06 -21.51
N ASP A 41 -8.41 10.43 -22.79
CA ASP A 41 -9.66 10.41 -23.55
C ASP A 41 -10.22 9.01 -23.73
N THR A 42 -9.37 7.98 -23.60
CA THR A 42 -9.84 6.61 -23.69
C THR A 42 -10.37 6.08 -22.36
N GLU A 43 -9.91 6.65 -21.25
CA GLU A 43 -10.24 6.16 -19.92
C GLU A 43 -11.56 6.79 -19.46
N THR A 44 -12.60 5.96 -19.34
CA THR A 44 -13.89 6.47 -18.88
C THR A 44 -13.86 6.83 -17.39
N GLU A 45 -13.05 6.13 -16.60
CA GLU A 45 -12.97 6.35 -15.17
C GLU A 45 -11.85 7.32 -14.79
N GLY A 46 -11.43 8.19 -15.72
CA GLY A 46 -10.36 9.11 -15.41
C GLY A 46 -9.02 8.41 -15.32
N VAL A 47 -8.14 8.96 -14.49
CA VAL A 47 -6.82 8.36 -14.31
C VAL A 47 -6.98 6.96 -13.75
N PRO A 48 -6.37 5.94 -14.37
CA PRO A 48 -6.57 4.57 -13.88
C PRO A 48 -6.09 4.40 -12.44
N SER A 49 -6.76 3.52 -11.71
CA SER A 49 -6.39 3.27 -10.33
C SER A 49 -4.95 2.78 -10.22
N THR A 50 -4.50 1.96 -11.19
CA THR A 50 -3.12 1.49 -11.16
C THR A 50 -2.13 2.64 -11.36
N ALA A 51 -2.53 3.69 -12.09
CA ALA A 51 -1.64 4.83 -12.28
C ALA A 51 -1.60 5.71 -11.04
N ILE A 52 -2.76 5.95 -10.42
CA ILE A 52 -2.80 6.76 -9.21
C ILE A 52 -1.99 6.09 -8.10
N ARG A 53 -2.14 4.77 -7.96
CA ARG A 53 -1.36 4.04 -6.95
C ARG A 53 0.13 4.13 -7.24
N GLU A 54 0.53 3.82 -8.48
CA GLU A 54 1.95 3.76 -8.80
C GLU A 54 2.62 5.11 -8.62
N ILE A 55 1.96 6.19 -9.03
CA ILE A 55 2.55 7.52 -8.91
C ILE A 55 2.75 7.88 -7.44
N SER A 56 1.70 7.73 -6.63
CA SER A 56 1.80 8.11 -5.22
C SER A 56 2.79 7.24 -4.48
N LEU A 57 2.84 5.94 -4.79
CA LEU A 57 3.80 5.07 -4.10
C LEU A 57 5.23 5.40 -4.48
N LEU A 58 5.48 5.69 -5.76
CA LEU A 58 6.85 5.92 -6.20
C LEU A 58 7.37 7.29 -5.78
N LYS A 59 6.48 8.27 -5.58
CA LYS A 59 6.94 9.57 -5.09
C LYS A 59 7.39 9.52 -3.64
N GLU A 60 7.16 8.41 -2.95
CA GLU A 60 7.63 8.22 -1.58
C GLU A 60 8.54 7.00 -1.45
N LEU A 61 8.93 6.39 -2.57
CA LEU A 61 9.85 5.25 -2.54
C LEU A 61 11.13 5.58 -3.30
N ASN A 62 11.88 6.58 -2.83
CA ASN A 62 13.14 6.96 -3.46
C ASN A 62 14.24 6.06 -2.91
N HIS A 63 14.78 5.19 -3.76
CA HIS A 63 15.80 4.23 -3.36
C HIS A 63 16.65 3.91 -4.58
N PRO A 64 17.95 3.66 -4.38
CA PRO A 64 18.82 3.36 -5.54
C PRO A 64 18.45 2.10 -6.29
N ASN A 65 17.74 1.16 -5.67
CA ASN A 65 17.33 -0.07 -6.34
C ASN A 65 15.86 -0.07 -6.72
N ILE A 66 15.26 1.11 -6.87
CA ILE A 66 13.89 1.26 -7.34
C ILE A 66 13.90 2.28 -8.47
N VAL A 67 13.30 1.91 -9.61
CA VAL A 67 13.30 2.80 -10.77
C VAL A 67 12.55 4.07 -10.41
N LYS A 68 13.23 5.21 -10.54
CA LYS A 68 12.70 6.48 -10.07
C LYS A 68 11.61 7.02 -10.99
N LEU A 69 10.58 7.60 -10.38
CA LEU A 69 9.60 8.41 -11.10
C LEU A 69 10.08 9.86 -11.05
N LEU A 70 10.44 10.41 -12.21
CA LEU A 70 11.03 11.74 -12.27
C LEU A 70 9.98 12.85 -12.29
N ASP A 71 8.93 12.70 -13.10
CA ASP A 71 7.94 13.77 -13.24
C ASP A 71 6.62 13.17 -13.69
N VAL A 72 5.54 13.90 -13.42
CA VAL A 72 4.20 13.57 -13.88
C VAL A 72 3.66 14.80 -14.59
N ILE A 73 3.49 14.70 -15.91
CA ILE A 73 3.11 15.84 -16.75
C ILE A 73 1.75 15.57 -17.37
N HIS A 74 0.82 16.50 -17.15
CA HIS A 74 -0.51 16.47 -17.75
C HIS A 74 -0.58 17.59 -18.78
N THR A 75 -0.62 17.23 -20.06
CA THR A 75 -0.48 18.20 -21.14
C THR A 75 -1.78 18.43 -21.91
N GLU A 76 -2.29 17.41 -22.62
CA GLU A 76 -3.42 17.59 -23.52
C GLU A 76 -4.22 16.29 -23.55
N ASN A 77 -5.11 16.13 -22.57
CA ASN A 77 -5.89 14.90 -22.38
C ASN A 77 -5.00 13.67 -22.31
N LYS A 78 -3.74 13.86 -21.93
CA LYS A 78 -2.78 12.78 -21.79
C LYS A 78 -1.97 12.99 -20.53
N LEU A 79 -1.53 11.88 -19.93
CA LEU A 79 -0.75 11.89 -18.71
C LEU A 79 0.58 11.21 -19.00
N TYR A 80 1.67 11.96 -18.93
CA TYR A 80 3.00 11.44 -19.18
C TYR A 80 3.71 11.20 -17.85
N LEU A 81 4.24 9.98 -17.67
CA LEU A 81 4.99 9.60 -16.49
C LEU A 81 6.46 9.43 -16.90
N VAL A 82 7.31 10.31 -16.40
CA VAL A 82 8.72 10.30 -16.77
C VAL A 82 9.49 9.44 -15.76
N PHE A 83 10.05 8.34 -16.24
CA PHE A 83 10.83 7.42 -15.41
C PHE A 83 12.30 7.51 -15.76
N GLU A 84 13.13 7.00 -14.86
CA GLU A 84 14.54 6.79 -15.15
C GLU A 84 14.71 5.62 -16.11
N PHE A 85 15.69 5.72 -17.00
CA PHE A 85 15.86 4.76 -18.08
C PHE A 85 16.94 3.74 -17.73
N LEU A 86 16.62 2.46 -17.93
CA LEU A 86 17.57 1.35 -17.87
C LEU A 86 17.46 0.56 -19.16
N HIS A 87 18.60 0.09 -19.67
CA HIS A 87 18.66 -0.38 -21.05
C HIS A 87 18.16 -1.80 -21.25
N GLN A 88 17.99 -2.58 -20.18
CA GLN A 88 17.66 -3.99 -20.37
C GLN A 88 16.98 -4.54 -19.13
N ASP A 89 16.03 -5.45 -19.34
CA ASP A 89 15.40 -6.17 -18.25
C ASP A 89 16.17 -7.46 -17.96
N LEU A 90 15.91 -8.01 -16.77
CA LEU A 90 16.64 -9.19 -16.35
C LEU A 90 16.34 -10.41 -17.21
N LYS A 91 15.09 -10.53 -17.71
CA LYS A 91 14.74 -11.70 -18.50
C LYS A 91 15.56 -11.76 -19.79
N LYS A 92 15.73 -10.61 -20.45
CA LYS A 92 16.55 -10.59 -21.66
C LYS A 92 18.02 -10.84 -21.35
N PHE A 93 18.47 -10.46 -20.15
CA PHE A 93 19.86 -10.71 -19.76
C PHE A 93 20.09 -12.17 -19.42
N MET A 94 19.12 -12.81 -18.78
CA MET A 94 19.26 -14.24 -18.48
C MET A 94 19.19 -15.08 -19.75
N ASP A 95 18.36 -14.68 -20.71
CA ASP A 95 18.29 -15.40 -21.98
C ASP A 95 19.59 -15.24 -22.76
N ALA A 96 20.14 -14.02 -22.79
CA ALA A 96 21.43 -13.81 -23.45
C ALA A 96 22.55 -14.56 -22.75
N SER A 97 22.40 -14.82 -21.45
CA SER A 97 23.41 -15.52 -20.67
C SER A 97 23.08 -17.00 -20.49
N ALA A 98 22.10 -17.52 -21.22
CA ALA A 98 21.63 -18.88 -20.96
C ALA A 98 22.69 -19.92 -21.29
N LEU A 99 23.47 -19.70 -22.35
CA LEU A 99 24.49 -20.67 -22.72
C LEU A 99 25.71 -20.58 -21.82
N THR A 100 26.18 -19.37 -21.55
CA THR A 100 27.39 -19.19 -20.74
C THR A 100 27.09 -19.18 -19.24
N GLY A 101 25.86 -18.88 -18.85
CA GLY A 101 25.53 -18.77 -17.44
C GLY A 101 25.92 -17.44 -16.84
N ILE A 102 25.08 -16.89 -15.98
CA ILE A 102 25.44 -15.65 -15.29
C ILE A 102 26.51 -15.94 -14.25
N PRO A 103 27.58 -15.15 -14.16
CA PRO A 103 28.61 -15.42 -13.15
C PRO A 103 28.03 -15.37 -11.74
N LEU A 104 28.49 -16.29 -10.90
CA LEU A 104 27.98 -16.36 -9.52
C LEU A 104 28.19 -15.06 -8.75
N PRO A 105 29.34 -14.37 -8.83
CA PRO A 105 29.42 -13.07 -8.14
C PRO A 105 28.38 -12.07 -8.60
N LEU A 106 27.98 -12.12 -9.87
CA LEU A 106 26.97 -11.20 -10.36
C LEU A 106 25.57 -11.60 -9.90
N ILE A 107 25.31 -12.91 -9.81
CA ILE A 107 24.04 -13.37 -9.25
C ILE A 107 23.92 -12.95 -7.80
N LYS A 108 25.00 -13.11 -7.04
CA LYS A 108 24.98 -12.69 -5.63
C LYS A 108 24.80 -11.19 -5.50
N SER A 109 25.43 -10.42 -6.40
CA SER A 109 25.28 -8.97 -6.35
C SER A 109 23.87 -8.54 -6.73
N TYR A 110 23.30 -9.17 -7.76
CA TYR A 110 21.94 -8.81 -8.18
C TYR A 110 20.92 -9.15 -7.10
N LEU A 111 21.00 -10.35 -6.54
CA LEU A 111 20.06 -10.74 -5.49
C LEU A 111 20.19 -9.84 -4.27
N PHE A 112 21.43 -9.48 -3.91
CA PHE A 112 21.65 -8.59 -2.77
C PHE A 112 20.96 -7.25 -2.98
N GLN A 113 21.12 -6.68 -4.18
CA GLN A 113 20.49 -5.39 -4.47
C GLN A 113 18.97 -5.52 -4.50
N LEU A 114 18.45 -6.62 -5.05
CA LEU A 114 17.01 -6.82 -5.09
C LEU A 114 16.45 -6.92 -3.68
N LEU A 115 17.15 -7.62 -2.78
CA LEU A 115 16.70 -7.72 -1.40
C LEU A 115 16.76 -6.37 -0.70
N GLN A 116 17.70 -5.50 -1.08
CA GLN A 116 17.78 -4.17 -0.48
C GLN A 116 16.60 -3.31 -0.90
N GLY A 117 16.31 -3.27 -2.21
CA GLY A 117 15.14 -2.53 -2.67
C GLY A 117 13.84 -3.10 -2.15
N LEU A 118 13.79 -4.42 -1.93
CA LEU A 118 12.56 -5.02 -1.41
C LEU A 118 12.41 -4.75 0.08
N ALA A 119 13.53 -4.78 0.83
CA ALA A 119 13.48 -4.43 2.24
C ALA A 119 13.09 -2.97 2.45
N PHE A 120 13.48 -2.09 1.52
CA PHE A 120 13.04 -0.71 1.56
C PHE A 120 11.53 -0.61 1.31
N CYS A 121 11.02 -1.37 0.34
CA CYS A 121 9.58 -1.36 0.06
C CYS A 121 8.80 -1.84 1.27
N HIS A 122 9.26 -2.93 1.90
CA HIS A 122 8.51 -3.51 3.01
C HIS A 122 8.59 -2.65 4.27
N SER A 123 9.73 -2.00 4.51
CA SER A 123 9.82 -1.09 5.65
C SER A 123 8.92 0.13 5.47
N HIS A 124 8.63 0.50 4.22
CA HIS A 124 7.66 1.53 3.91
C HIS A 124 6.26 0.96 3.76
N ARG A 125 6.05 -0.30 4.13
CA ARG A 125 4.74 -0.95 4.09
C ARG A 125 4.16 -0.98 2.68
N VAL A 126 4.97 -1.41 1.71
CA VAL A 126 4.55 -1.52 0.32
C VAL A 126 4.85 -2.92 -0.17
N LEU A 127 3.83 -3.61 -0.68
CA LEU A 127 4.00 -4.87 -1.38
C LEU A 127 4.12 -4.61 -2.87
N HIS A 128 5.08 -5.27 -3.52
CA HIS A 128 5.22 -5.14 -4.96
C HIS A 128 4.18 -6.00 -5.70
N ARG A 129 4.13 -7.29 -5.36
CA ARG A 129 3.12 -8.23 -5.85
C ARG A 129 3.24 -8.54 -7.34
N ASP A 130 4.37 -8.22 -7.98
CA ASP A 130 4.56 -8.62 -9.37
C ASP A 130 6.05 -8.70 -9.69
N LEU A 131 6.82 -9.35 -8.83
CA LEU A 131 8.26 -9.51 -9.02
C LEU A 131 8.49 -10.64 -10.02
N LYS A 132 8.85 -10.27 -11.24
CA LYS A 132 9.21 -11.21 -12.30
C LYS A 132 10.39 -10.63 -13.05
N PRO A 133 11.18 -11.46 -13.73
CA PRO A 133 12.37 -10.94 -14.42
C PRO A 133 12.07 -9.81 -15.39
N GLN A 134 10.87 -9.79 -15.98
CA GLN A 134 10.52 -8.70 -16.88
C GLN A 134 10.44 -7.36 -16.15
N ASN A 135 10.16 -7.37 -14.85
CA ASN A 135 10.02 -6.16 -14.07
C ASN A 135 11.31 -5.78 -13.33
N LEU A 136 12.41 -6.47 -13.59
CA LEU A 136 13.69 -6.18 -12.98
C LEU A 136 14.63 -5.65 -14.05
N LEU A 137 15.06 -4.40 -13.87
CA LEU A 137 15.81 -3.68 -14.89
C LEU A 137 17.25 -3.49 -14.44
N ILE A 138 18.17 -3.62 -15.38
CA ILE A 138 19.60 -3.48 -15.10
C ILE A 138 20.18 -2.41 -16.01
N ASN A 139 21.27 -1.80 -15.55
CA ASN A 139 22.00 -0.82 -16.35
C ASN A 139 23.40 -1.35 -16.63
N THR A 140 24.21 -0.52 -17.27
CA THR A 140 25.57 -0.87 -17.66
C THR A 140 26.58 -0.64 -16.55
N GLU A 141 26.12 -0.35 -15.32
CA GLU A 141 27.01 -0.09 -14.20
C GLU A 141 26.85 -1.12 -13.10
N GLY A 142 26.26 -2.27 -13.40
CA GLY A 142 26.14 -3.36 -12.44
C GLY A 142 24.96 -3.28 -11.49
N ALA A 143 24.05 -2.34 -11.70
CA ALA A 143 22.89 -2.17 -10.83
C ALA A 143 21.67 -2.89 -11.40
N ILE A 144 20.76 -3.27 -10.50
CA ILE A 144 19.46 -3.84 -10.87
C ILE A 144 18.40 -3.17 -10.00
N LYS A 145 17.23 -2.91 -10.59
CA LYS A 145 16.22 -2.09 -9.93
C LYS A 145 14.82 -2.66 -10.13
N LEU A 146 13.99 -2.49 -9.10
CA LEU A 146 12.59 -2.87 -9.17
C LEU A 146 11.81 -1.86 -10.01
N ALA A 147 10.92 -2.37 -10.85
CA ALA A 147 10.12 -1.52 -11.72
C ALA A 147 8.69 -2.06 -11.80
N ASP A 148 7.83 -1.27 -12.42
CA ASP A 148 6.41 -1.58 -12.59
C ASP A 148 5.72 -1.78 -11.25
N PHE A 149 5.38 -0.68 -10.58
CA PHE A 149 4.64 -0.71 -9.33
C PHE A 149 3.13 -0.53 -9.55
N GLY A 150 2.63 -0.85 -10.75
CA GLY A 150 1.20 -0.72 -11.00
C GLY A 150 0.36 -1.70 -10.21
N LEU A 151 0.90 -2.89 -9.93
CA LEU A 151 0.21 -3.90 -9.13
C LEU A 151 0.57 -3.83 -7.66
N ALA A 152 1.34 -2.82 -7.26
CA ALA A 152 1.76 -2.69 -5.88
C ALA A 152 0.62 -2.11 -5.02
N ARG A 153 0.73 -2.34 -3.72
CA ARG A 153 -0.26 -1.81 -2.78
C ARG A 153 0.40 -1.60 -1.43
N ALA A 154 0.09 -0.47 -0.80
CA ALA A 154 0.53 -0.23 0.57
C ALA A 154 -0.36 -0.99 1.53
N PHE A 155 0.25 -1.73 2.44
CA PHE A 155 -0.52 -2.49 3.42
C PHE A 155 -0.53 -1.79 4.76
N GLY A 156 -1.64 -1.93 5.47
CA GLY A 156 -1.74 -1.37 6.81
C GLY A 156 -1.21 -2.30 7.86
N VAL A 157 -1.13 -1.78 9.08
CA VAL A 157 -0.69 -2.55 10.24
C VAL A 157 -1.82 -2.52 11.27
N PRO A 158 -2.63 -3.58 11.35
CA PRO A 158 -2.55 -4.85 10.61
C PRO A 158 -3.13 -4.74 9.20
N VAL A 159 -2.88 -5.76 8.36
CA VAL A 159 -3.41 -5.77 7.00
C VAL A 159 -4.86 -6.23 7.05
N ARG A 160 -5.56 -6.08 5.92
CA ARG A 160 -6.88 -6.66 5.74
C ARG A 160 -6.86 -7.47 4.44
N THR A 161 -8.01 -8.04 4.10
CA THR A 161 -8.11 -8.88 2.91
C THR A 161 -7.90 -8.03 1.65
N TYR A 162 -6.84 -8.31 0.92
CA TYR A 162 -6.54 -7.56 -0.30
C TYR A 162 -6.93 -8.33 -1.56
N TPO A 163 -6.55 -7.80 -2.71
CA TPO A 163 -6.92 -8.39 -4.00
CB TPO A 163 -6.42 -7.53 -5.18
CG2 TPO A 163 -6.81 -8.12 -6.53
OG1 TPO A 163 -6.97 -6.23 -5.07
P TPO A 163 -5.91 -4.89 -4.86
O1P TPO A 163 -6.92 -3.75 -4.86
O2P TPO A 163 -5.22 -5.15 -3.52
O3P TPO A 163 -4.97 -4.93 -6.08
C TPO A 163 -6.37 -9.80 -4.15
O TPO A 163 -5.19 -10.05 -3.92
N HIS A 164 -7.25 -10.72 -4.54
CA HIS A 164 -6.88 -12.13 -4.72
C HIS A 164 -6.22 -12.37 -6.07
N GLU A 165 -5.49 -13.49 -6.16
CA GLU A 165 -4.87 -13.95 -7.41
C GLU A 165 -3.93 -12.90 -7.99
N VAL A 166 -3.00 -12.42 -7.16
CA VAL A 166 -1.99 -11.47 -7.59
C VAL A 166 -0.74 -12.23 -8.00
N VAL A 167 0.24 -11.50 -8.55
CA VAL A 167 1.54 -12.04 -8.99
C VAL A 167 1.36 -12.93 -10.22
N THR A 168 2.28 -12.80 -11.18
CA THR A 168 2.30 -13.70 -12.32
C THR A 168 2.43 -15.15 -11.85
N LEU A 169 1.84 -16.07 -12.62
CA LEU A 169 1.61 -17.43 -12.15
C LEU A 169 2.93 -18.12 -11.75
N TRP A 170 3.96 -18.00 -12.60
CA TRP A 170 5.21 -18.72 -12.34
C TRP A 170 5.88 -18.28 -11.04
N TYR A 171 5.61 -17.06 -10.57
CA TYR A 171 6.26 -16.52 -9.39
C TYR A 171 5.27 -16.31 -8.24
N ARG A 172 4.13 -16.99 -8.28
CA ARG A 172 3.07 -16.80 -7.30
C ARG A 172 3.28 -17.74 -6.11
N ALA A 173 3.19 -17.19 -4.91
CA ALA A 173 3.44 -17.95 -3.70
C ALA A 173 2.36 -19.02 -3.49
N PRO A 174 2.68 -20.10 -2.79
CA PRO A 174 1.68 -21.16 -2.60
C PRO A 174 0.51 -20.72 -1.74
N GLU A 175 0.69 -19.78 -0.82
CA GLU A 175 -0.44 -19.33 0.00
C GLU A 175 -1.47 -18.60 -0.86
N ILE A 176 -1.03 -17.92 -1.92
CA ILE A 176 -1.97 -17.29 -2.85
C ILE A 176 -2.72 -18.35 -3.64
N LEU A 177 -2.00 -19.37 -4.13
CA LEU A 177 -2.63 -20.42 -4.91
C LEU A 177 -3.63 -21.23 -4.08
N LEU A 178 -3.43 -21.29 -2.76
CA LEU A 178 -4.35 -22.00 -1.88
C LEU A 178 -5.45 -21.11 -1.33
N GLY A 179 -5.49 -19.83 -1.70
CA GLY A 179 -6.59 -18.96 -1.37
C GLY A 179 -6.58 -18.41 0.05
N CYS A 180 -5.44 -17.92 0.49
CA CYS A 180 -5.35 -17.32 1.82
C CYS A 180 -6.14 -16.02 1.88
N LYS A 181 -6.76 -15.76 3.04
CA LYS A 181 -7.50 -14.52 3.23
C LYS A 181 -6.57 -13.32 3.24
N TYR A 182 -5.60 -13.32 4.15
CA TYR A 182 -4.66 -12.22 4.29
C TYR A 182 -3.29 -12.63 3.74
N TYR A 183 -2.55 -11.65 3.27
CA TYR A 183 -1.16 -11.87 2.86
C TYR A 183 -0.41 -10.55 2.98
N SER A 184 0.92 -10.65 3.06
CA SER A 184 1.74 -9.45 3.14
C SER A 184 3.07 -9.65 2.44
N THR A 185 4.18 -9.40 3.15
CA THR A 185 5.49 -9.28 2.53
C THR A 185 6.04 -10.62 2.05
N ALA A 186 5.51 -11.74 2.55
CA ALA A 186 6.07 -13.05 2.20
C ALA A 186 5.89 -13.37 0.71
N VAL A 187 4.90 -12.78 0.04
CA VAL A 187 4.67 -13.14 -1.35
C VAL A 187 5.78 -12.61 -2.25
N ASP A 188 6.39 -11.48 -1.90
CA ASP A 188 7.50 -10.96 -2.69
C ASP A 188 8.77 -11.77 -2.49
N ILE A 189 8.99 -12.29 -1.28
CA ILE A 189 10.18 -13.11 -1.03
C ILE A 189 10.12 -14.40 -1.83
N TRP A 190 8.93 -15.02 -1.92
CA TRP A 190 8.77 -16.21 -2.75
C TRP A 190 9.15 -15.93 -4.19
N SER A 191 8.60 -14.85 -4.75
CA SER A 191 8.93 -14.46 -6.13
C SER A 191 10.43 -14.29 -6.30
N LEU A 192 11.10 -13.64 -5.34
CA LEU A 192 12.53 -13.45 -5.44
C LEU A 192 13.30 -14.75 -5.32
N GLY A 193 12.79 -15.69 -4.52
CA GLY A 193 13.41 -17.00 -4.46
C GLY A 193 13.31 -17.75 -5.78
N CYS A 194 12.16 -17.64 -6.45
CA CYS A 194 12.03 -18.21 -7.79
C CYS A 194 12.98 -17.54 -8.77
N ILE A 195 13.12 -16.22 -8.69
CA ILE A 195 14.05 -15.50 -9.56
C ILE A 195 15.49 -15.89 -9.24
N PHE A 196 15.79 -16.09 -7.95
CA PHE A 196 17.12 -16.52 -7.54
C PHE A 196 17.49 -17.84 -8.20
N ALA A 197 16.64 -18.86 -8.05
CA ALA A 197 16.91 -20.15 -8.67
C ALA A 197 16.93 -20.06 -10.19
N GLU A 198 16.12 -19.17 -10.76
CA GLU A 198 16.09 -19.03 -12.21
C GLU A 198 17.40 -18.45 -12.73
N MET A 199 18.03 -17.54 -11.98
CA MET A 199 19.35 -17.05 -12.37
C MET A 199 20.41 -18.14 -12.28
N VAL A 200 20.25 -19.09 -11.36
CA VAL A 200 21.24 -20.14 -11.18
C VAL A 200 21.10 -21.21 -12.25
N THR A 201 19.88 -21.64 -12.53
CA THR A 201 19.62 -22.74 -13.45
C THR A 201 19.33 -22.26 -14.87
N ARG A 202 19.21 -20.95 -15.09
CA ARG A 202 18.86 -20.38 -16.40
C ARG A 202 17.54 -20.95 -16.93
N ARG A 203 16.62 -21.27 -16.02
CA ARG A 203 15.34 -21.87 -16.38
C ARG A 203 14.36 -21.61 -15.24
N ALA A 204 13.12 -21.31 -15.59
CA ALA A 204 12.10 -21.03 -14.58
C ALA A 204 11.98 -22.19 -13.61
N LEU A 205 11.87 -21.86 -12.31
CA LEU A 205 11.82 -22.90 -11.28
C LEU A 205 10.51 -23.66 -11.34
N PHE A 206 9.38 -22.95 -11.41
CA PHE A 206 8.05 -23.56 -11.44
C PHE A 206 7.28 -22.99 -12.63
N PRO A 207 7.53 -23.49 -13.84
CA PRO A 207 6.83 -22.95 -15.03
C PRO A 207 5.47 -23.61 -15.25
N GLY A 208 4.50 -23.24 -14.41
CA GLY A 208 3.18 -23.81 -14.51
C GLY A 208 2.31 -23.14 -15.54
N ASP A 209 1.29 -23.87 -16.00
CA ASP A 209 0.35 -23.37 -16.99
C ASP A 209 -1.04 -23.13 -16.43
N SER A 210 -1.36 -23.67 -15.26
CA SER A 210 -2.63 -23.42 -14.59
C SER A 210 -2.35 -23.26 -13.10
N GLU A 211 -3.39 -22.87 -12.35
CA GLU A 211 -3.21 -22.70 -10.91
C GLU A 211 -2.92 -24.04 -10.23
N ILE A 212 -3.61 -25.10 -10.63
CA ILE A 212 -3.36 -26.40 -10.02
C ILE A 212 -2.04 -26.99 -10.51
N ASP A 213 -1.67 -26.73 -11.77
CA ASP A 213 -0.38 -27.22 -12.27
C ASP A 213 0.78 -26.45 -11.65
N GLN A 214 0.59 -25.15 -11.40
CA GLN A 214 1.60 -24.38 -10.69
C GLN A 214 1.81 -24.93 -9.28
N LEU A 215 0.71 -25.26 -8.60
CA LEU A 215 0.80 -25.78 -7.24
C LEU A 215 1.46 -27.15 -7.22
N PHE A 216 1.12 -28.02 -8.17
CA PHE A 216 1.71 -29.35 -8.20
C PHE A 216 3.19 -29.31 -8.57
N ARG A 217 3.59 -28.33 -9.40
CA ARG A 217 5.01 -28.17 -9.68
C ARG A 217 5.78 -27.74 -8.43
N ILE A 218 5.16 -26.90 -7.60
CA ILE A 218 5.76 -26.56 -6.32
C ILE A 218 5.83 -27.77 -5.40
N PHE A 219 4.74 -28.54 -5.36
CA PHE A 219 4.72 -29.74 -4.51
C PHE A 219 5.75 -30.77 -4.98
N ARG A 220 5.97 -30.86 -6.30
CA ARG A 220 6.88 -31.86 -6.83
C ARG A 220 8.33 -31.59 -6.42
N THR A 221 8.66 -30.33 -6.16
CA THR A 221 10.02 -29.93 -5.82
C THR A 221 10.24 -29.78 -4.32
N LEU A 222 9.32 -29.13 -3.63
CA LEU A 222 9.45 -28.86 -2.20
C LEU A 222 8.68 -29.85 -1.34
N GLY A 223 8.00 -30.82 -1.94
CA GLY A 223 7.21 -31.77 -1.19
C GLY A 223 5.82 -31.25 -0.88
N THR A 224 4.85 -32.14 -0.86
CA THR A 224 3.49 -31.76 -0.49
C THR A 224 3.46 -31.34 0.98
N PRO A 225 3.10 -30.11 1.29
CA PRO A 225 3.16 -29.64 2.68
C PRO A 225 2.06 -30.24 3.54
N ASP A 226 2.33 -30.32 4.84
CA ASP A 226 1.34 -30.78 5.80
C ASP A 226 1.27 -29.83 6.99
N GLU A 227 0.53 -30.19 8.03
CA GLU A 227 0.34 -29.29 9.17
C GLU A 227 1.64 -29.04 9.91
N VAL A 228 2.59 -29.98 9.87
CA VAL A 228 3.84 -29.79 10.59
C VAL A 228 4.69 -28.73 9.92
N VAL A 229 4.94 -28.86 8.62
CA VAL A 229 5.76 -27.88 7.93
C VAL A 229 5.02 -26.58 7.68
N TRP A 230 3.69 -26.58 7.77
CA TRP A 230 2.89 -25.40 7.45
C TRP A 230 1.58 -25.49 8.23
N PRO A 231 1.56 -24.96 9.45
CA PRO A 231 0.34 -25.04 10.27
C PRO A 231 -0.83 -24.32 9.62
N GLY A 232 -1.93 -25.04 9.46
CA GLY A 232 -3.13 -24.49 8.87
C GLY A 232 -3.30 -24.72 7.39
N VAL A 233 -2.37 -25.41 6.74
CA VAL A 233 -2.45 -25.61 5.29
C VAL A 233 -3.66 -26.48 4.95
N THR A 234 -4.00 -27.46 5.80
CA THR A 234 -5.12 -28.34 5.51
C THR A 234 -6.47 -27.66 5.65
N SER A 235 -6.51 -26.47 6.25
CA SER A 235 -7.75 -25.72 6.41
C SER A 235 -7.93 -24.62 5.36
N MET A 236 -6.98 -24.47 4.45
CA MET A 236 -7.07 -23.41 3.47
C MET A 236 -8.14 -23.73 2.42
N PRO A 237 -8.78 -22.70 1.84
CA PRO A 237 -9.95 -22.95 0.98
C PRO A 237 -9.67 -23.83 -0.23
N ASP A 238 -8.50 -23.67 -0.86
CA ASP A 238 -8.18 -24.44 -2.05
C ASP A 238 -7.41 -25.71 -1.76
N TYR A 239 -7.19 -26.05 -0.49
CA TYR A 239 -6.51 -27.28 -0.16
C TYR A 239 -7.45 -28.47 -0.34
N LYS A 240 -6.94 -29.53 -0.95
CA LYS A 240 -7.67 -30.76 -1.13
C LYS A 240 -6.91 -31.92 -0.49
N PRO A 241 -7.57 -32.79 0.29
CA PRO A 241 -6.89 -33.98 0.80
C PRO A 241 -6.43 -34.92 -0.30
N SER A 242 -6.99 -34.80 -1.51
CA SER A 242 -6.61 -35.64 -2.64
C SER A 242 -5.32 -35.20 -3.31
N PHE A 243 -4.66 -34.17 -2.81
CA PHE A 243 -3.38 -33.76 -3.39
C PHE A 243 -2.38 -34.91 -3.31
N PRO A 244 -1.67 -35.21 -4.40
CA PRO A 244 -0.66 -36.28 -4.35
C PRO A 244 0.47 -35.93 -3.39
N LYS A 245 1.08 -36.98 -2.84
CA LYS A 245 2.17 -36.84 -1.87
C LYS A 245 3.49 -37.00 -2.60
N TRP A 246 4.20 -35.88 -2.82
CA TRP A 246 5.54 -35.89 -3.39
C TRP A 246 6.56 -35.61 -2.29
N ALA A 247 7.73 -36.21 -2.43
CA ALA A 247 8.82 -36.01 -1.49
C ALA A 247 9.66 -34.80 -1.92
N ARG A 248 10.17 -34.08 -0.92
CA ARG A 248 11.01 -32.92 -1.20
C ARG A 248 12.30 -33.36 -1.87
N GLN A 249 12.65 -32.69 -2.97
CA GLN A 249 13.87 -33.02 -3.69
C GLN A 249 15.07 -32.36 -3.03
N ASP A 250 16.21 -33.06 -3.09
CA ASP A 250 17.46 -32.51 -2.58
C ASP A 250 17.85 -31.30 -3.39
N PHE A 251 18.13 -30.19 -2.70
CA PHE A 251 18.50 -28.95 -3.38
C PHE A 251 19.80 -29.06 -4.15
N SER A 252 20.57 -30.14 -3.94
CA SER A 252 21.72 -30.41 -4.80
C SER A 252 21.31 -30.73 -6.23
N LYS A 253 20.07 -31.19 -6.43
CA LYS A 253 19.54 -31.43 -7.76
C LYS A 253 18.68 -30.28 -8.29
N VAL A 254 18.04 -29.51 -7.39
CA VAL A 254 17.24 -28.39 -7.82
C VAL A 254 18.13 -27.25 -8.31
N VAL A 255 19.12 -26.87 -7.50
CA VAL A 255 20.09 -25.86 -7.87
C VAL A 255 21.49 -26.45 -7.75
N PRO A 256 21.95 -27.22 -8.73
CA PRO A 256 23.27 -27.86 -8.64
C PRO A 256 24.41 -26.87 -8.44
N PRO A 257 24.49 -25.77 -9.20
CA PRO A 257 25.65 -24.89 -9.06
C PRO A 257 25.72 -24.16 -7.73
N LEU A 258 24.66 -24.18 -6.93
CA LEU A 258 24.61 -23.38 -5.71
C LEU A 258 25.32 -24.08 -4.57
N ASP A 259 26.15 -23.34 -3.83
CA ASP A 259 26.87 -23.87 -2.68
C ASP A 259 25.93 -23.97 -1.48
N GLU A 260 26.48 -24.40 -0.34
CA GLU A 260 25.63 -24.68 0.82
C GLU A 260 25.08 -23.40 1.43
N ASP A 261 25.78 -22.27 1.26
CA ASP A 261 25.22 -21.00 1.72
C ASP A 261 24.07 -20.55 0.82
N GLY A 262 24.19 -20.79 -0.49
CA GLY A 262 23.12 -20.42 -1.39
C GLY A 262 21.89 -21.29 -1.21
N ARG A 263 22.09 -22.60 -1.05
CA ARG A 263 20.96 -23.51 -0.85
C ARG A 263 20.21 -23.20 0.43
N SER A 264 20.92 -22.76 1.48
CA SER A 264 20.27 -22.40 2.73
C SER A 264 19.39 -21.17 2.55
N LEU A 265 19.93 -20.12 1.91
CA LEU A 265 19.14 -18.93 1.67
C LEU A 265 17.92 -19.22 0.79
N LEU A 266 18.12 -20.00 -0.28
CA LEU A 266 17.02 -20.32 -1.18
C LEU A 266 15.92 -21.10 -0.45
N SER A 267 16.31 -22.04 0.41
CA SER A 267 15.32 -22.79 1.17
C SER A 267 14.48 -21.88 2.06
N GLN A 268 15.12 -20.90 2.71
CA GLN A 268 14.40 -20.02 3.61
C GLN A 268 13.50 -19.05 2.84
N MET A 269 13.87 -18.70 1.61
CA MET A 269 13.01 -17.88 0.77
C MET A 269 11.85 -18.68 0.18
N LEU A 270 11.94 -20.00 0.15
CA LEU A 270 10.92 -20.87 -0.40
C LEU A 270 10.20 -21.68 0.67
N HIS A 271 10.27 -21.24 1.93
CA HIS A 271 9.53 -21.89 2.99
C HIS A 271 8.03 -21.81 2.73
N TYR A 272 7.33 -22.93 2.94
CA TYR A 272 5.89 -22.95 2.72
C TYR A 272 5.18 -21.98 3.64
N ASP A 273 5.49 -22.02 4.93
CA ASP A 273 4.83 -21.18 5.92
C ASP A 273 5.21 -19.72 5.71
N PRO A 274 4.26 -18.85 5.36
CA PRO A 274 4.61 -17.43 5.17
C PRO A 274 5.11 -16.76 6.44
N ASN A 275 4.72 -17.26 7.61
CA ASN A 275 5.21 -16.70 8.86
C ASN A 275 6.66 -17.09 9.13
N LYS A 276 7.11 -18.23 8.59
CA LYS A 276 8.49 -18.67 8.76
C LYS A 276 9.38 -18.27 7.60
N ARG A 277 8.80 -17.86 6.47
CA ARG A 277 9.60 -17.50 5.31
C ARG A 277 10.49 -16.31 5.65
N ILE A 278 11.77 -16.39 5.25
CA ILE A 278 12.74 -15.38 5.65
C ILE A 278 12.32 -14.01 5.10
N SER A 279 12.61 -12.97 5.87
CA SER A 279 12.29 -11.62 5.44
C SER A 279 13.43 -11.05 4.60
N ALA A 280 13.11 -9.98 3.86
CA ALA A 280 14.13 -9.34 3.02
C ALA A 280 15.29 -8.83 3.86
N LYS A 281 15.00 -8.19 4.99
CA LYS A 281 16.08 -7.68 5.84
C LYS A 281 16.92 -8.82 6.41
N ALA A 282 16.28 -9.89 6.87
CA ALA A 282 17.02 -11.02 7.40
C ALA A 282 17.85 -11.71 6.31
N ALA A 283 17.33 -11.76 5.09
CA ALA A 283 18.08 -12.37 4.00
C ALA A 283 19.37 -11.60 3.72
N LEU A 284 19.36 -10.28 3.93
CA LEU A 284 20.57 -9.49 3.74
C LEU A 284 21.65 -9.87 4.75
N ALA A 285 21.27 -10.38 5.91
CA ALA A 285 22.21 -10.80 6.94
C ALA A 285 22.64 -12.26 6.79
N HIS A 286 22.14 -12.96 5.78
CA HIS A 286 22.48 -14.36 5.59
C HIS A 286 23.95 -14.51 5.21
N PRO A 287 24.63 -15.58 5.67
CA PRO A 287 26.05 -15.76 5.35
C PRO A 287 26.35 -15.91 3.87
N PHE A 288 25.31 -15.97 3.03
CA PHE A 288 25.52 -15.97 1.59
C PHE A 288 26.09 -14.65 1.10
N PHE A 289 25.86 -13.55 1.83
CA PHE A 289 26.37 -12.24 1.48
C PHE A 289 27.45 -11.75 2.42
N GLN A 290 28.00 -12.64 3.27
CA GLN A 290 28.98 -12.22 4.27
C GLN A 290 30.24 -11.65 3.63
N ASP A 291 30.53 -12.01 2.38
CA ASP A 291 31.65 -11.44 1.66
C ASP A 291 31.29 -10.14 0.95
N VAL A 292 30.00 -9.88 0.74
CA VAL A 292 29.57 -8.67 0.05
C VAL A 292 29.30 -7.52 1.02
N THR A 293 28.90 -7.82 2.25
CA THR A 293 28.56 -6.80 3.22
C THR A 293 29.17 -7.13 4.58
N LYS A 294 29.34 -6.09 5.38
CA LYS A 294 29.76 -6.21 6.77
C LYS A 294 28.69 -5.63 7.69
N PRO A 295 28.36 -6.31 8.78
CA PRO A 295 27.24 -5.85 9.62
C PRO A 295 27.58 -4.56 10.35
N VAL A 296 26.54 -3.79 10.63
CA VAL A 296 26.66 -2.54 11.37
C VAL A 296 26.59 -2.84 12.85
N PRO A 297 27.22 -2.03 13.71
CA PRO A 297 27.09 -2.26 15.15
C PRO A 297 25.66 -1.97 15.61
N HIS A 298 25.08 -2.91 16.33
CA HIS A 298 23.69 -2.81 16.78
C HIS A 298 23.64 -2.21 18.18
N LEU A 299 22.92 -1.10 18.32
CA LEU A 299 22.69 -0.50 19.63
C LEU A 299 21.70 -1.37 20.41
N ARG A 300 22.19 -2.01 21.47
CA ARG A 300 21.35 -2.90 22.28
C ARG A 300 20.75 -2.12 23.45
N LEU A 301 19.87 -1.19 23.09
CA LEU A 301 19.19 -0.35 24.08
C LEU A 301 17.68 -0.41 23.88
N GLY B 9 8.18 7.68 21.61
CA GLY B 9 8.43 6.26 21.73
C GLY B 9 7.79 5.43 20.63
N SER B 10 8.15 4.16 20.56
CA SER B 10 7.63 3.24 19.55
C SER B 10 6.88 2.11 20.24
N PRO B 11 5.58 1.93 19.97
CA PRO B 11 4.83 0.84 20.60
C PRO B 11 4.83 -0.47 19.83
N LEU B 12 5.38 -0.50 18.62
CA LEU B 12 5.33 -1.71 17.82
C LEU B 12 6.23 -2.79 18.43
N PRO B 13 5.85 -4.05 18.36
CA PRO B 13 6.70 -5.14 18.83
C PRO B 13 7.82 -5.40 17.82
N VAL B 14 8.70 -6.34 18.18
CA VAL B 14 9.77 -6.73 17.27
C VAL B 14 9.17 -7.29 15.98
N LEU B 15 9.53 -6.69 14.85
CA LEU B 15 8.99 -7.08 13.56
C LEU B 15 10.00 -7.97 12.84
N SER B 16 9.52 -9.08 12.29
CA SER B 16 10.40 -9.99 11.57
C SER B 16 10.76 -9.48 10.18
N TRP B 17 9.89 -8.66 9.58
CA TRP B 17 10.08 -8.20 8.21
C TRP B 17 10.86 -6.91 8.10
N ALA B 18 11.05 -6.17 9.20
CA ALA B 18 11.84 -4.94 9.17
C ALA B 18 12.14 -4.55 10.62
N ASN B 19 13.00 -3.55 10.76
CA ASN B 19 13.29 -3.01 12.08
C ASN B 19 12.04 -2.34 12.64
N ARG B 20 11.63 -2.74 13.84
CA ARG B 20 10.44 -2.18 14.45
C ARG B 20 10.56 -0.67 14.61
N GLU B 21 11.76 -0.18 14.93
CA GLU B 21 11.97 1.26 15.01
C GLU B 21 11.92 1.91 13.64
N GLU B 22 12.49 1.25 12.64
CA GLU B 22 12.53 1.84 11.30
C GLU B 22 11.12 2.01 10.72
N VAL B 23 10.28 0.99 10.87
CA VAL B 23 8.91 1.10 10.37
C VAL B 23 8.16 2.23 11.06
N TRP B 24 8.38 2.37 12.38
CA TRP B 24 7.69 3.41 13.13
C TRP B 24 8.21 4.79 12.77
N LYS B 25 9.53 4.94 12.63
CA LYS B 25 10.10 6.23 12.25
C LYS B 25 9.64 6.65 10.87
N ILE B 26 9.50 5.69 9.94
CA ILE B 26 9.02 6.01 8.60
C ILE B 26 7.59 6.52 8.66
N MET B 27 6.74 5.85 9.46
CA MET B 27 5.37 6.32 9.64
C MET B 27 5.34 7.71 10.28
N LEU B 28 6.27 7.97 11.20
CA LEU B 28 6.33 9.29 11.82
C LEU B 28 6.91 10.33 10.87
N ASN B 29 7.93 9.96 10.10
CA ASN B 29 8.60 10.93 9.24
C ASN B 29 7.68 11.42 8.12
N LYS B 30 6.80 10.56 7.61
CA LYS B 30 5.90 11.01 6.55
C LYS B 30 4.79 11.92 7.09
N GLU B 31 4.54 11.88 8.41
CA GLU B 31 3.58 12.79 8.99
C GLU B 31 4.04 14.24 8.86
N LYS B 32 5.35 14.45 8.81
CA LYS B 32 5.90 15.78 8.54
C LYS B 32 5.85 16.15 7.07
N THR B 33 5.72 15.16 6.18
CA THR B 33 5.55 15.47 4.76
C THR B 33 4.16 16.01 4.47
N TYR B 34 3.15 15.51 5.18
CA TYR B 34 1.76 15.91 4.99
C TYR B 34 1.41 16.98 6.00
N LEU B 35 1.26 18.21 5.53
CA LEU B 35 0.94 19.34 6.39
C LEU B 35 -0.57 19.57 6.46
N ARG B 36 -1.02 20.03 7.62
CA ARG B 36 -2.41 20.41 7.83
C ARG B 36 -2.46 21.74 8.58
N ASP B 37 -3.39 22.59 8.17
CA ASP B 37 -3.58 23.89 8.79
C ASP B 37 -5.02 23.97 9.29
N GLN B 38 -5.20 24.14 10.60
CA GLN B 38 -6.54 24.20 11.16
C GLN B 38 -7.28 25.48 10.80
N HIS B 39 -6.64 26.42 10.11
CA HIS B 39 -7.24 27.70 9.73
C HIS B 39 -7.07 27.94 8.24
N PHE B 40 -7.14 26.88 7.43
CA PHE B 40 -7.03 27.07 5.98
C PHE B 40 -8.24 27.79 5.40
N LEU B 41 -9.36 27.81 6.11
CA LEU B 41 -10.55 28.51 5.64
C LEU B 41 -10.40 30.01 5.69
N GLU B 42 -9.37 30.54 6.37
CA GLU B 42 -9.08 31.96 6.28
C GLU B 42 -8.57 32.35 4.90
N GLN B 43 -8.06 31.37 4.13
CA GLN B 43 -7.72 31.61 2.74
C GLN B 43 -8.96 31.69 1.86
N HIS B 44 -10.10 31.21 2.35
CA HIS B 44 -11.37 31.25 1.63
C HIS B 44 -12.36 32.02 2.50
N PRO B 45 -12.32 33.36 2.46
CA PRO B 45 -13.19 34.15 3.35
C PRO B 45 -14.67 33.92 3.13
N LEU B 46 -15.08 33.47 1.94
CA LEU B 46 -16.49 33.26 1.65
C LEU B 46 -17.05 32.01 2.31
N LEU B 47 -16.20 31.11 2.82
CA LEU B 47 -16.62 29.86 3.42
C LEU B 47 -16.66 29.98 4.94
N GLN B 48 -17.48 29.14 5.56
CA GLN B 48 -17.59 29.05 7.00
C GLN B 48 -17.25 27.63 7.46
N PRO B 49 -16.75 27.48 8.70
CA PRO B 49 -16.35 26.14 9.16
C PRO B 49 -17.48 25.13 9.18
N LYS B 50 -18.74 25.56 9.30
CA LYS B 50 -19.85 24.62 9.34
C LYS B 50 -20.05 23.94 7.99
N MET B 51 -19.76 24.64 6.89
CA MET B 51 -19.91 24.04 5.56
C MET B 51 -19.04 22.80 5.41
N ARG B 52 -17.84 22.81 6.01
CA ARG B 52 -16.95 21.65 5.93
C ARG B 52 -17.57 20.46 6.64
N ALA B 53 -18.25 20.68 7.76
CA ALA B 53 -18.88 19.58 8.48
C ALA B 53 -20.04 19.00 7.67
N ILE B 54 -20.82 19.86 7.01
CA ILE B 54 -21.95 19.38 6.21
C ILE B 54 -21.46 18.54 5.05
N LEU B 55 -20.34 18.93 4.44
CA LEU B 55 -19.80 18.17 3.31
C LEU B 55 -19.23 16.83 3.77
N LEU B 56 -18.41 16.83 4.82
CA LEU B 56 -17.83 15.59 5.30
C LEU B 56 -18.91 14.63 5.79
N ASP B 57 -19.94 15.17 6.46
CA ASP B 57 -21.05 14.31 6.88
C ASP B 57 -21.78 13.71 5.69
N TRP B 58 -21.90 14.47 4.60
CA TRP B 58 -22.52 13.94 3.39
C TRP B 58 -21.68 12.82 2.79
N LEU B 59 -20.36 13.01 2.75
CA LEU B 59 -19.47 11.98 2.22
C LEU B 59 -19.53 10.70 3.06
N MET B 60 -19.77 10.83 4.37
CA MET B 60 -19.92 9.65 5.21
C MET B 60 -21.13 8.83 4.78
N GLU B 61 -22.28 9.50 4.60
CA GLU B 61 -23.49 8.81 4.17
C GLU B 61 -23.30 8.17 2.81
N VAL B 62 -22.59 8.85 1.90
CA VAL B 62 -22.32 8.29 0.59
C VAL B 62 -21.49 7.02 0.71
N CYS B 63 -20.54 7.00 1.64
CA CYS B 63 -19.70 5.82 1.83
C CYS B 63 -20.52 4.64 2.33
N GLU B 64 -21.46 4.88 3.23
CA GLU B 64 -22.25 3.77 3.78
C GLU B 64 -23.18 3.18 2.72
N VAL B 65 -23.73 4.02 1.85
CA VAL B 65 -24.64 3.53 0.82
C VAL B 65 -23.92 2.55 -0.11
N TYR B 66 -22.73 2.92 -0.57
CA TYR B 66 -21.92 2.06 -1.42
C TYR B 66 -20.97 1.18 -0.62
N LYS B 67 -21.12 1.15 0.71
CA LYS B 67 -20.34 0.25 1.57
C LYS B 67 -18.84 0.47 1.42
N LEU B 68 -18.44 1.74 1.31
CA LEU B 68 -17.03 2.08 1.22
C LEU B 68 -16.37 2.00 2.59
N HIS B 69 -15.06 1.74 2.59
CA HIS B 69 -14.33 1.57 3.82
C HIS B 69 -14.13 2.92 4.53
N ARG B 70 -13.91 2.84 5.85
CA ARG B 70 -13.62 4.04 6.62
C ARG B 70 -12.35 4.72 6.12
N GLU B 71 -11.36 3.93 5.71
CA GLU B 71 -10.13 4.49 5.15
C GLU B 71 -10.42 5.34 3.93
N THR B 72 -11.40 4.93 3.12
CA THR B 72 -11.75 5.69 1.93
C THR B 72 -12.29 7.08 2.28
N PHE B 73 -13.16 7.15 3.29
CA PHE B 73 -13.68 8.46 3.70
C PHE B 73 -12.57 9.36 4.20
N TYR B 74 -11.72 8.85 5.09
CA TYR B 74 -10.68 9.69 5.69
C TYR B 74 -9.61 10.07 4.67
N LEU B 75 -9.41 9.26 3.64
CA LEU B 75 -8.58 9.69 2.51
C LEU B 75 -9.21 10.90 1.82
N ALA B 76 -10.52 10.85 1.58
CA ALA B 76 -11.20 11.97 0.95
C ALA B 76 -11.18 13.21 1.84
N GLN B 77 -11.29 13.02 3.16
CA GLN B 77 -11.20 14.15 4.07
C GLN B 77 -9.82 14.79 4.01
N ASP B 78 -8.77 13.97 4.03
CA ASP B 78 -7.41 14.51 3.99
C ASP B 78 -7.11 15.17 2.65
N PHE B 79 -7.59 14.59 1.56
CA PHE B 79 -7.41 15.22 0.25
C PHE B 79 -8.14 16.54 0.17
N PHE B 80 -9.31 16.62 0.80
CA PHE B 80 -10.09 17.85 0.78
C PHE B 80 -9.40 18.96 1.58
N ASP B 81 -8.94 18.64 2.78
CA ASP B 81 -8.34 19.66 3.64
C ASP B 81 -7.00 20.14 3.08
N ARG B 82 -6.20 19.23 2.52
CA ARG B 82 -4.90 19.63 1.99
C ARG B 82 -5.02 20.36 0.65
N TYR B 83 -6.02 20.02 -0.16
CA TYR B 83 -6.22 20.74 -1.41
C TYR B 83 -6.70 22.16 -1.16
N MET B 84 -7.55 22.35 -0.15
CA MET B 84 -8.02 23.68 0.19
C MET B 84 -6.89 24.56 0.70
N ALA B 85 -5.92 23.98 1.41
CA ALA B 85 -4.79 24.76 1.89
C ALA B 85 -3.92 25.30 0.77
N THR B 86 -4.04 24.75 -0.44
CA THR B 86 -3.32 25.23 -1.61
C THR B 86 -4.12 26.20 -2.45
N GLN B 87 -5.44 26.28 -2.26
CA GLN B 87 -6.30 27.13 -3.05
C GLN B 87 -6.69 28.38 -2.28
N GLU B 88 -7.33 29.32 -3.00
CA GLU B 88 -7.80 30.57 -2.42
C GLU B 88 -9.15 30.92 -3.03
N ASN B 89 -10.09 31.33 -2.18
CA ASN B 89 -11.42 31.78 -2.60
C ASN B 89 -12.20 30.69 -3.32
N VAL B 90 -13.13 30.04 -2.60
CA VAL B 90 -13.95 28.98 -3.16
C VAL B 90 -15.40 29.24 -2.77
N VAL B 91 -16.32 29.04 -3.72
CA VAL B 91 -17.74 29.27 -3.51
C VAL B 91 -18.37 28.00 -2.93
N LYS B 92 -19.59 28.12 -2.41
CA LYS B 92 -20.26 26.98 -1.80
C LYS B 92 -20.58 25.90 -2.82
N THR B 93 -21.05 26.30 -4.01
CA THR B 93 -21.45 25.31 -5.02
C THR B 93 -20.27 24.49 -5.52
N LEU B 94 -19.04 24.97 -5.35
CA LEU B 94 -17.86 24.22 -5.75
C LEU B 94 -17.43 23.20 -4.70
N LEU B 95 -17.97 23.28 -3.48
CA LEU B 95 -17.58 22.36 -2.43
C LEU B 95 -18.01 20.93 -2.74
N GLN B 96 -19.20 20.75 -3.30
CA GLN B 96 -19.71 19.40 -3.57
C GLN B 96 -18.86 18.70 -4.63
N LEU B 97 -18.37 19.45 -5.63
CA LEU B 97 -17.54 18.85 -6.66
C LEU B 97 -16.18 18.43 -6.09
N ILE B 98 -15.57 19.28 -5.27
CA ILE B 98 -14.28 18.96 -4.69
C ILE B 98 -14.40 17.77 -3.74
N GLY B 99 -15.50 17.69 -2.99
CA GLY B 99 -15.68 16.60 -2.05
C GLY B 99 -15.90 15.27 -2.74
N ILE B 100 -16.81 15.23 -3.72
CA ILE B 100 -17.11 13.97 -4.39
C ILE B 100 -15.94 13.50 -5.23
N SER B 101 -15.13 14.43 -5.75
CA SER B 101 -13.96 14.05 -6.54
C SER B 101 -12.84 13.54 -5.64
N SER B 102 -12.70 14.12 -4.44
CA SER B 102 -11.75 13.58 -3.46
C SER B 102 -12.13 12.16 -3.08
N LEU B 103 -13.43 11.91 -2.92
CA LEU B 103 -13.90 10.55 -2.64
C LEU B 103 -13.70 9.63 -3.84
N PHE B 104 -13.81 10.18 -5.06
CA PHE B 104 -13.58 9.37 -6.25
C PHE B 104 -12.13 8.92 -6.34
N ILE B 105 -11.19 9.84 -6.08
CA ILE B 105 -9.78 9.45 -6.02
C ILE B 105 -9.55 8.44 -4.90
N ALA B 106 -10.16 8.67 -3.73
CA ALA B 106 -9.95 7.78 -2.60
C ALA B 106 -10.51 6.39 -2.87
N ALA B 107 -11.70 6.30 -3.47
CA ALA B 107 -12.30 5.00 -3.73
C ALA B 107 -11.46 4.20 -4.72
N LYS B 108 -10.92 4.85 -5.75
CA LYS B 108 -10.08 4.14 -6.71
C LYS B 108 -8.78 3.67 -6.09
N LEU B 109 -8.32 4.35 -5.02
CA LEU B 109 -7.08 3.95 -4.38
C LEU B 109 -7.26 2.78 -3.43
N GLU B 110 -8.36 2.76 -2.68
CA GLU B 110 -8.54 1.82 -1.58
C GLU B 110 -9.39 0.61 -1.93
N GLU B 111 -10.51 0.82 -2.62
CA GLU B 111 -11.44 -0.28 -2.87
C GLU B 111 -10.90 -1.24 -3.93
N ILE B 112 -11.25 -2.51 -3.79
CA ILE B 112 -10.89 -3.50 -4.80
C ILE B 112 -11.75 -3.32 -6.05
N TYR B 113 -13.07 -3.22 -5.87
CA TYR B 113 -14.01 -2.96 -6.95
C TYR B 113 -14.74 -1.66 -6.64
N PRO B 114 -14.14 -0.52 -6.96
CA PRO B 114 -14.74 0.77 -6.62
C PRO B 114 -15.97 1.05 -7.46
N PRO B 115 -16.83 1.97 -7.03
CA PRO B 115 -17.97 2.37 -7.87
C PRO B 115 -17.50 3.09 -9.12
N LYS B 116 -18.35 3.05 -10.14
CA LYS B 116 -18.04 3.68 -11.42
C LYS B 116 -18.19 5.20 -11.32
N LEU B 117 -17.70 5.88 -12.36
CA LEU B 117 -17.68 7.35 -12.35
C LEU B 117 -19.10 7.92 -12.29
N HIS B 118 -20.01 7.37 -13.09
CA HIS B 118 -21.36 7.95 -13.16
C HIS B 118 -22.10 7.80 -11.84
N GLN B 119 -21.76 6.79 -11.04
CA GLN B 119 -22.38 6.64 -9.73
C GLN B 119 -21.96 7.77 -8.79
N PHE B 120 -20.70 8.21 -8.89
CA PHE B 120 -20.26 9.37 -8.13
C PHE B 120 -20.96 10.63 -8.62
N ALA B 121 -21.23 10.73 -9.92
CA ALA B 121 -22.04 11.84 -10.41
C ALA B 121 -23.51 11.66 -10.08
N TYR B 122 -23.95 10.42 -9.85
CA TYR B 122 -25.36 10.16 -9.60
C TYR B 122 -25.80 10.63 -8.22
N VAL B 123 -24.92 10.47 -7.21
CA VAL B 123 -25.29 10.86 -5.85
C VAL B 123 -25.34 12.37 -5.68
N THR B 124 -24.72 13.13 -6.59
CA THR B 124 -24.73 14.57 -6.51
C THR B 124 -26.06 15.19 -6.96
N ASP B 125 -27.04 14.36 -7.33
CA ASP B 125 -28.35 14.83 -7.79
C ASP B 125 -28.20 15.74 -9.00
N GLY B 126 -27.28 15.40 -9.89
CA GLY B 126 -27.08 16.15 -11.12
C GLY B 126 -26.23 17.39 -10.99
N ALA B 127 -25.87 17.81 -9.78
CA ALA B 127 -25.05 19.00 -9.60
C ALA B 127 -23.61 18.82 -10.08
N CYS B 128 -23.18 17.58 -10.33
CA CYS B 128 -21.83 17.31 -10.81
C CYS B 128 -21.90 16.25 -11.90
N SER B 129 -21.34 16.56 -13.06
CA SER B 129 -21.31 15.63 -14.17
C SER B 129 -20.07 14.74 -14.07
N GLY B 130 -20.04 13.69 -14.92
CA GLY B 130 -18.88 12.82 -14.95
C GLY B 130 -17.62 13.54 -15.40
N ASP B 131 -17.75 14.41 -16.39
CA ASP B 131 -16.60 15.16 -16.88
C ASP B 131 -16.13 16.20 -15.87
N GLU B 132 -17.06 16.76 -15.09
CA GLU B 132 -16.66 17.70 -14.04
C GLU B 132 -15.83 17.00 -12.97
N ILE B 133 -16.17 15.74 -12.65
CA ILE B 133 -15.43 15.00 -11.64
C ILE B 133 -14.03 14.67 -12.15
N LEU B 134 -13.92 14.25 -13.42
CA LEU B 134 -12.61 13.93 -13.98
C LEU B 134 -11.72 15.16 -14.09
N THR B 135 -12.31 16.33 -14.38
CA THR B 135 -11.53 17.56 -14.37
C THR B 135 -11.10 17.91 -12.95
N MET B 136 -11.95 17.66 -11.96
CA MET B 136 -11.64 18.03 -10.59
C MET B 136 -10.60 17.08 -9.99
N GLU B 137 -10.69 15.78 -10.31
CA GLU B 137 -9.74 14.83 -9.74
C GLU B 137 -8.32 15.11 -10.22
N LEU B 138 -8.16 15.61 -11.44
CA LEU B 138 -6.83 15.95 -11.93
C LEU B 138 -6.29 17.21 -11.26
N MET B 139 -7.16 18.20 -11.04
CA MET B 139 -6.74 19.41 -10.36
C MET B 139 -6.38 19.13 -8.91
N ILE B 140 -7.09 18.21 -8.27
CA ILE B 140 -6.78 17.86 -6.87
C ILE B 140 -5.43 17.16 -6.79
N MET B 141 -5.23 16.14 -7.63
CA MET B 141 -4.00 15.36 -7.55
C MET B 141 -2.78 16.19 -7.94
N LYS B 142 -2.94 17.09 -8.92
CA LYS B 142 -1.82 17.94 -9.34
C LYS B 142 -1.48 18.98 -8.28
N ALA B 143 -2.50 19.55 -7.62
CA ALA B 143 -2.24 20.53 -6.58
C ALA B 143 -1.61 19.91 -5.35
N LEU B 144 -1.95 18.66 -5.05
CA LEU B 144 -1.38 17.94 -3.92
C LEU B 144 -0.02 17.32 -4.25
N LYS B 145 0.56 17.66 -5.40
CA LYS B 145 1.85 17.11 -5.85
C LYS B 145 1.81 15.58 -5.89
N TRP B 146 0.62 15.01 -6.13
CA TRP B 146 0.41 13.56 -6.19
C TRP B 146 0.80 12.88 -4.88
N ARG B 147 0.76 13.61 -3.77
CA ARG B 147 0.97 13.05 -2.44
C ARG B 147 -0.36 12.52 -1.94
N LEU B 148 -0.68 11.29 -2.34
CA LEU B 148 -1.99 10.71 -2.08
C LEU B 148 -1.92 9.49 -1.17
N SER B 149 -0.85 9.34 -0.39
CA SER B 149 -0.67 8.19 0.50
C SER B 149 -0.43 8.66 1.93
N PRO B 150 -1.41 9.31 2.56
CA PRO B 150 -1.24 9.76 3.94
C PRO B 150 -1.66 8.67 4.94
N LEU B 151 -1.32 8.93 6.20
CA LEU B 151 -1.77 8.09 7.32
C LEU B 151 -3.01 8.75 7.90
N THR B 152 -4.18 8.18 7.59
CA THR B 152 -5.45 8.77 7.99
C THR B 152 -5.64 8.65 9.50
N ILE B 153 -6.68 9.34 9.98
CA ILE B 153 -7.04 9.24 11.40
C ILE B 153 -7.47 7.82 11.73
N VAL B 154 -8.19 7.16 10.83
CA VAL B 154 -8.70 5.83 11.12
C VAL B 154 -7.59 4.78 10.99
N SER B 155 -6.58 5.04 10.17
CA SER B 155 -5.48 4.09 10.05
C SER B 155 -4.69 3.99 11.35
N TRP B 156 -4.51 5.12 12.05
CA TRP B 156 -3.83 5.07 13.35
C TRP B 156 -4.63 4.26 14.36
N LEU B 157 -5.96 4.39 14.34
CA LEU B 157 -6.78 3.60 15.25
C LEU B 157 -6.65 2.11 14.98
N ASN B 158 -6.47 1.72 13.72
CA ASN B 158 -6.25 0.31 13.40
C ASN B 158 -4.94 -0.18 13.99
N VAL B 159 -3.89 0.65 13.96
CA VAL B 159 -2.61 0.29 14.57
C VAL B 159 -2.79 0.17 16.08
N TYR B 160 -3.45 1.15 16.70
CA TYR B 160 -3.59 1.15 18.15
C TYR B 160 -4.42 -0.03 18.63
N MET B 161 -5.39 -0.47 17.84
CA MET B 161 -6.23 -1.59 18.25
C MET B 161 -5.49 -2.92 18.17
N GLN B 162 -4.63 -3.07 17.16
CA GLN B 162 -3.86 -4.31 17.03
C GLN B 162 -2.85 -4.45 18.16
N VAL B 163 -2.17 -3.34 18.52
CA VAL B 163 -1.18 -3.40 19.58
C VAL B 163 -1.85 -3.62 20.94
N ALA B 164 -3.06 -3.09 21.12
CA ALA B 164 -3.78 -3.29 22.38
C ALA B 164 -4.11 -4.77 22.60
N TYR B 165 -4.39 -5.49 21.53
CA TYR B 165 -4.71 -6.92 21.60
C TYR B 165 -3.61 -7.76 20.97
N LEU B 166 -2.36 -7.39 21.24
CA LEU B 166 -1.22 -8.20 20.82
C LEU B 166 -1.02 -9.36 21.78
N ASN B 167 -0.98 -10.57 21.23
CA ASN B 167 -0.71 -11.74 22.04
C ASN B 167 0.78 -11.78 22.42
N ASP B 168 1.13 -12.77 23.26
CA ASP B 168 2.53 -12.96 23.59
C ASP B 168 3.34 -13.33 22.35
N LEU B 169 2.71 -14.01 21.39
CA LEU B 169 3.32 -14.24 20.08
C LEU B 169 3.07 -13.00 19.23
N HIS B 170 4.11 -12.19 19.05
CA HIS B 170 3.98 -10.89 18.39
C HIS B 170 3.82 -11.09 16.90
N GLU B 171 2.58 -10.96 16.41
CA GLU B 171 2.27 -10.95 14.98
C GLU B 171 1.36 -9.76 14.73
N VAL B 172 1.92 -8.67 14.21
CA VAL B 172 1.19 -7.40 14.13
C VAL B 172 0.48 -7.22 12.79
N LEU B 173 0.72 -8.08 11.81
CA LEU B 173 0.10 -7.91 10.50
C LEU B 173 -1.25 -8.59 10.36
N LEU B 174 -1.50 -9.65 11.13
CA LEU B 174 -2.79 -10.34 11.07
C LEU B 174 -3.74 -9.69 12.06
N PRO B 175 -4.91 -9.21 11.61
CA PRO B 175 -5.78 -8.43 12.50
C PRO B 175 -6.44 -9.29 13.56
N GLN B 176 -6.58 -8.73 14.76
CA GLN B 176 -7.22 -9.44 15.87
C GLN B 176 -7.54 -8.41 16.96
N TYR B 177 -8.78 -7.96 16.98
CA TYR B 177 -9.27 -7.05 18.00
C TYR B 177 -10.79 -6.99 17.92
N PRO B 178 -11.47 -6.67 19.01
CA PRO B 178 -12.94 -6.61 18.97
C PRO B 178 -13.44 -5.55 18.01
N GLN B 179 -14.35 -5.96 17.12
CA GLN B 179 -14.96 -5.02 16.19
C GLN B 179 -15.92 -4.07 16.89
N GLN B 180 -16.55 -4.52 17.98
CA GLN B 180 -17.54 -3.71 18.67
C GLN B 180 -16.92 -2.44 19.25
N ILE B 181 -15.78 -2.57 19.93
CA ILE B 181 -15.16 -1.40 20.54
C ILE B 181 -14.41 -0.56 19.51
N PHE B 182 -14.04 -1.14 18.37
CA PHE B 182 -13.37 -0.37 17.32
C PHE B 182 -14.32 0.66 16.72
N ILE B 183 -15.55 0.25 16.41
CA ILE B 183 -16.51 1.16 15.80
C ILE B 183 -16.99 2.21 16.79
N GLN B 184 -16.88 1.94 18.09
CA GLN B 184 -17.25 2.95 19.07
C GLN B 184 -16.23 4.08 19.12
N ILE B 185 -14.94 3.75 19.05
CA ILE B 185 -13.91 4.78 19.03
C ILE B 185 -13.96 5.53 17.69
N ALA B 186 -14.23 4.81 16.60
CA ALA B 186 -14.38 5.47 15.31
C ALA B 186 -15.54 6.45 15.31
N GLU B 187 -16.61 6.14 16.06
CA GLU B 187 -17.74 7.06 16.16
C GLU B 187 -17.32 8.39 16.77
N LEU B 188 -16.47 8.36 17.80
CA LEU B 188 -15.98 9.60 18.38
C LEU B 188 -15.09 10.36 17.39
N LEU B 189 -14.27 9.64 16.62
CA LEU B 189 -13.40 10.30 15.66
C LEU B 189 -14.20 10.87 14.50
N ASP B 190 -15.26 10.18 14.08
CA ASP B 190 -16.10 10.70 12.99
C ASP B 190 -16.77 12.00 13.39
N LEU B 191 -17.02 12.21 14.68
CA LEU B 191 -17.59 13.48 15.13
C LEU B 191 -16.53 14.57 15.18
N CYS B 192 -15.36 14.25 15.74
CA CYS B 192 -14.31 15.25 15.90
C CYS B 192 -13.78 15.74 14.56
N VAL B 193 -13.83 14.89 13.53
CA VAL B 193 -13.30 15.29 12.24
C VAL B 193 -14.20 16.32 11.57
N LEU B 194 -15.47 16.42 11.98
CA LEU B 194 -16.35 17.44 11.44
C LEU B 194 -15.96 18.84 11.90
N ASP B 195 -15.28 18.95 13.04
CA ASP B 195 -14.78 20.24 13.52
C ASP B 195 -13.41 20.51 12.91
N VAL B 196 -13.25 21.68 12.30
CA VAL B 196 -12.02 22.00 11.59
C VAL B 196 -10.84 22.17 12.53
N ASP B 197 -11.09 22.48 13.80
CA ASP B 197 -9.99 22.69 14.75
C ASP B 197 -9.24 21.41 15.09
N CYS B 198 -9.68 20.25 14.62
CA CYS B 198 -8.95 19.01 14.87
C CYS B 198 -7.60 18.98 14.15
N LEU B 199 -7.46 19.73 13.05
CA LEU B 199 -6.20 19.73 12.30
C LEU B 199 -5.07 20.35 13.09
N GLU B 200 -5.36 21.08 14.17
CA GLU B 200 -4.30 21.55 15.05
C GLU B 200 -3.47 20.40 15.58
N PHE B 201 -4.10 19.28 15.88
CA PHE B 201 -3.43 18.10 16.41
C PHE B 201 -3.16 17.09 15.30
N PRO B 202 -2.02 16.42 15.33
CA PRO B 202 -1.72 15.40 14.31
C PRO B 202 -2.74 14.27 14.34
N TYR B 203 -2.84 13.57 13.22
CA TYR B 203 -3.80 12.48 13.10
C TYR B 203 -3.53 11.38 14.13
N GLY B 204 -2.26 11.07 14.36
CA GLY B 204 -1.93 10.07 15.37
C GLY B 204 -2.30 10.50 16.78
N ILE B 205 -2.28 11.81 17.04
CA ILE B 205 -2.68 12.31 18.36
C ILE B 205 -4.19 12.21 18.53
N LEU B 206 -4.94 12.55 17.49
CA LEU B 206 -6.41 12.50 17.57
C LEU B 206 -6.90 11.08 17.82
N ALA B 207 -6.32 10.10 17.12
CA ALA B 207 -6.74 8.71 17.30
C ALA B 207 -6.38 8.20 18.70
N ALA B 208 -5.19 8.57 19.19
CA ALA B 208 -4.80 8.15 20.54
C ALA B 208 -5.67 8.81 21.58
N SER B 209 -6.07 10.06 21.35
CA SER B 209 -6.91 10.76 22.32
C SER B 209 -8.32 10.16 22.38
N ALA B 210 -8.85 9.73 21.23
CA ALA B 210 -10.14 9.07 21.23
C ALA B 210 -10.06 7.71 21.91
N LEU B 211 -8.97 6.98 21.70
CA LEU B 211 -8.77 5.71 22.39
C LEU B 211 -8.69 5.91 23.90
N TYR B 212 -8.06 6.99 24.34
CA TYR B 212 -7.94 7.25 25.77
C TYR B 212 -9.30 7.42 26.43
N HIS B 213 -10.23 8.12 25.76
CA HIS B 213 -11.53 8.35 26.35
C HIS B 213 -12.35 7.08 26.50
N PHE B 214 -12.00 6.02 25.78
CA PHE B 214 -12.66 4.72 25.91
C PHE B 214 -11.81 3.72 26.69
N SER B 215 -10.60 4.09 27.09
CA SER B 215 -9.75 3.19 27.86
C SER B 215 -9.06 3.94 29.00
N SER B 216 -7.75 4.12 28.89
CA SER B 216 -6.97 4.78 29.95
C SER B 216 -5.68 5.30 29.34
N SER B 217 -4.97 6.11 30.13
CA SER B 217 -3.70 6.66 29.68
C SER B 217 -2.62 5.59 29.61
N GLU B 218 -2.72 4.55 30.45
CA GLU B 218 -1.74 3.46 30.39
C GLU B 218 -1.93 2.63 29.12
N LEU B 219 -3.17 2.29 28.79
CA LEU B 219 -3.42 1.56 27.55
C LEU B 219 -3.07 2.40 26.33
N MET B 220 -3.39 3.69 26.37
CA MET B 220 -3.05 4.58 25.27
C MET B 220 -1.55 4.62 25.03
N GLN B 221 -0.78 4.75 26.11
CA GLN B 221 0.67 4.89 25.97
C GLN B 221 1.32 3.59 25.50
N LYS B 222 0.78 2.44 25.90
CA LYS B 222 1.38 1.17 25.49
C LYS B 222 1.20 0.91 24.01
N VAL B 223 0.11 1.40 23.41
CA VAL B 223 -0.19 1.11 22.03
C VAL B 223 0.07 2.29 21.09
N SER B 224 0.22 3.51 21.62
CA SER B 224 0.52 4.67 20.79
C SER B 224 1.94 5.19 20.97
N GLY B 225 2.57 4.93 22.12
CA GLY B 225 3.90 5.43 22.39
C GLY B 225 3.96 6.89 22.79
N TYR B 226 2.84 7.60 22.80
CA TYR B 226 2.82 9.01 23.12
C TYR B 226 2.57 9.22 24.61
N GLN B 227 3.34 10.12 25.21
CA GLN B 227 3.19 10.43 26.62
C GLN B 227 1.88 11.19 26.85
N TRP B 228 1.44 11.21 28.11
CA TRP B 228 0.21 11.90 28.46
C TRP B 228 0.29 13.39 28.16
N CYS B 229 1.48 13.99 28.31
CA CYS B 229 1.63 15.41 28.02
C CYS B 229 1.47 15.73 26.53
N ASP B 230 1.69 14.75 25.66
CA ASP B 230 1.54 15.00 24.23
C ASP B 230 0.07 15.13 23.83
N ILE B 231 -0.79 14.30 24.44
CA ILE B 231 -2.19 14.25 24.06
C ILE B 231 -3.09 15.03 25.01
N GLU B 232 -2.55 15.57 26.10
CA GLU B 232 -3.37 16.28 27.07
C GLU B 232 -4.09 17.46 26.42
N ASN B 233 -3.40 18.21 25.56
CA ASN B 233 -4.05 19.31 24.86
C ASN B 233 -5.17 18.80 23.96
N CYS B 234 -4.92 17.70 23.24
CA CYS B 234 -5.95 17.13 22.38
C CYS B 234 -7.08 16.52 23.20
N VAL B 235 -6.75 15.82 24.29
CA VAL B 235 -7.78 15.23 25.13
C VAL B 235 -8.69 16.31 25.70
N LYS B 236 -8.10 17.41 26.20
CA LYS B 236 -8.91 18.50 26.73
C LYS B 236 -9.76 19.15 25.63
N TRP B 237 -9.27 19.17 24.39
CA TRP B 237 -10.08 19.68 23.30
C TRP B 237 -11.17 18.68 22.92
N MET B 238 -10.85 17.39 22.94
CA MET B 238 -11.82 16.34 22.64
C MET B 238 -12.81 16.12 23.77
N VAL B 239 -12.65 16.84 24.88
CA VAL B 239 -13.54 16.65 26.03
C VAL B 239 -15.02 16.81 25.66
N PRO B 240 -15.46 17.90 25.02
CA PRO B 240 -16.91 18.01 24.73
C PRO B 240 -17.41 16.92 23.79
N PHE B 241 -16.63 16.57 22.76
CA PHE B 241 -17.06 15.54 21.82
C PHE B 241 -17.18 14.18 22.49
N ALA B 242 -16.34 13.90 23.47
CA ALA B 242 -16.37 12.58 24.12
C ALA B 242 -17.65 12.38 24.92
N MET B 243 -18.11 13.42 25.62
CA MET B 243 -19.29 13.27 26.46
C MET B 243 -20.57 13.17 25.66
N VAL B 244 -20.65 13.88 24.53
CA VAL B 244 -21.85 13.79 23.68
C VAL B 244 -22.05 12.36 23.21
N ILE B 245 -20.95 11.65 22.94
CA ILE B 245 -21.04 10.24 22.59
C ILE B 245 -21.48 9.42 23.80
N ARG B 246 -20.96 9.75 24.99
CA ARG B 246 -21.31 9.01 26.18
C ARG B 246 -22.75 9.26 26.60
N GLU B 247 -23.28 10.46 26.37
CA GLU B 247 -24.65 10.77 26.77
C GLU B 247 -25.66 9.97 25.96
N THR B 248 -25.39 9.79 24.66
CA THR B 248 -26.31 9.04 23.80
C THR B 248 -26.04 7.55 23.79
N GLY B 249 -24.85 7.13 24.19
CA GLY B 249 -24.49 5.72 24.22
C GLY B 249 -23.58 5.33 23.07
N SER B 250 -23.18 4.07 23.11
CA SER B 250 -22.31 3.48 22.10
C SER B 250 -23.14 2.79 21.02
N SER B 251 -22.63 2.80 19.80
CA SER B 251 -23.32 2.21 18.66
C SER B 251 -23.03 0.73 18.56
N LYS B 252 -23.90 0.02 17.86
CA LYS B 252 -23.77 -1.41 17.63
C LYS B 252 -23.08 -1.68 16.30
N LEU B 253 -22.41 -2.84 16.23
CA LEU B 253 -21.74 -3.25 15.01
C LEU B 253 -22.76 -3.71 13.97
N LYS B 254 -22.85 -3.00 12.86
CA LYS B 254 -23.79 -3.35 11.82
C LYS B 254 -23.27 -4.50 10.98
N HIS B 255 -24.19 -5.17 10.30
CA HIS B 255 -23.87 -6.17 9.29
C HIS B 255 -24.27 -5.64 7.92
N PHE B 256 -23.36 -5.74 6.96
CA PHE B 256 -23.58 -5.24 5.61
C PHE B 256 -23.62 -6.41 4.65
N ARG B 257 -24.74 -6.54 3.92
CA ARG B 257 -24.91 -7.65 2.98
C ARG B 257 -23.85 -7.57 1.89
N GLY B 258 -23.20 -8.70 1.62
CA GLY B 258 -22.09 -8.77 0.69
C GLY B 258 -20.73 -8.55 1.32
N VAL B 259 -20.68 -8.05 2.56
CA VAL B 259 -19.42 -7.82 3.27
C VAL B 259 -19.25 -8.91 4.32
N ALA B 260 -18.08 -9.53 4.34
CA ALA B 260 -17.80 -10.55 5.34
C ALA B 260 -17.84 -9.95 6.74
N ASP B 261 -18.23 -10.78 7.71
CA ASP B 261 -18.35 -10.29 9.08
C ASP B 261 -16.99 -9.94 9.69
N GLU B 262 -15.93 -10.60 9.23
CA GLU B 262 -14.59 -10.27 9.71
C GLU B 262 -14.10 -8.92 9.19
N ASP B 263 -14.80 -8.33 8.23
CA ASP B 263 -14.47 -6.99 7.73
C ASP B 263 -15.61 -6.00 7.96
N ALA B 264 -16.60 -6.37 8.77
CA ALA B 264 -17.79 -5.53 8.94
C ALA B 264 -17.47 -4.23 9.65
N HIS B 265 -16.45 -4.22 10.51
CA HIS B 265 -16.12 -3.01 11.26
C HIS B 265 -15.44 -1.95 10.40
N ASN B 266 -14.81 -2.35 9.29
CA ASN B 266 -14.08 -1.42 8.44
C ASN B 266 -14.99 -0.64 7.49
N ILE B 267 -16.29 -0.91 7.50
CA ILE B 267 -17.23 -0.23 6.61
C ILE B 267 -17.66 1.08 7.27
N GLN B 268 -17.64 2.17 6.51
CA GLN B 268 -18.01 3.47 7.04
C GLN B 268 -19.52 3.52 7.29
N THR B 269 -19.90 4.03 8.46
CA THR B 269 -21.29 4.23 8.82
C THR B 269 -21.61 5.72 8.89
N HIS B 270 -22.88 6.02 9.11
CA HIS B 270 -23.31 7.41 9.20
C HIS B 270 -24.46 7.53 10.18
N ARG B 271 -24.28 8.36 11.20
CA ARG B 271 -25.36 8.82 12.06
C ARG B 271 -25.62 10.29 11.75
N ASP B 272 -26.79 10.76 12.17
CA ASP B 272 -27.19 12.15 11.88
C ASP B 272 -26.10 13.12 12.34
N SER B 273 -25.71 13.03 13.60
CA SER B 273 -24.64 13.84 14.20
C SER B 273 -24.99 15.31 13.97
N LEU B 274 -24.08 16.14 13.47
CA LEU B 274 -24.34 17.55 13.20
C LEU B 274 -24.82 18.28 14.45
N ASP B 275 -26.01 17.92 14.93
CA ASP B 275 -26.48 18.47 16.20
C ASP B 275 -25.56 18.10 17.35
N LEU B 276 -24.89 16.95 17.26
CA LEU B 276 -23.92 16.56 18.28
C LEU B 276 -22.69 17.46 18.23
N LEU B 277 -22.27 17.86 17.02
CA LEU B 277 -21.14 18.78 16.89
C LEU B 277 -21.48 20.15 17.46
N ASP B 278 -22.77 20.52 17.50
CA ASP B 278 -23.17 21.79 18.08
C ASP B 278 -23.22 21.72 19.60
N LYS B 279 -23.58 20.57 20.17
CA LYS B 279 -23.58 20.42 21.62
C LYS B 279 -22.17 20.50 22.18
N ALA B 280 -21.17 20.10 21.40
CA ALA B 280 -19.78 20.17 21.85
C ALA B 280 -19.27 21.61 21.87
N ARG B 281 -19.83 22.48 21.03
CA ARG B 281 -19.38 23.87 21.00
C ARG B 281 -19.75 24.61 22.29
N ALA B 282 -20.80 24.15 22.96
CA ALA B 282 -21.23 24.78 24.21
C ALA B 282 -20.22 24.52 25.33
C11 A1CAE C . 13.06 1.01 -18.63
C14 A1CAE C . 11.46 2.10 -17.34
C15 A1CAE C . 10.22 2.62 -16.62
C16 A1CAE C . 9.71 1.73 -15.44
C17 A1CAE C . 8.27 1.20 -15.71
C19 A1CAE C . 7.17 -0.90 -16.46
C21 A1CAE C . 8.32 -2.48 -18.10
C22 A1CAE C . 8.59 -1.82 -19.45
C23 A1CAE C . 8.78 -3.94 -17.98
C24 A1CAE C . 9.63 -2.88 -17.35
C26 A1CAE C . 7.76 2.32 -16.68
C27 A1CAE C . 8.98 2.84 -17.50
C28 A1CAE C . 11.66 1.04 -18.24
C30 A1CAE C . 14.90 -0.64 -22.87
C03 A1CAE C . 16.05 -1.30 -27.74
C04 A1CAE C . 14.49 -0.96 -25.32
C05 A1CAE C . 13.76 -2.10 -24.89
C06 A1CAE C . 13.61 -2.49 -23.54
C07 A1CAE C . 14.18 -1.79 -22.46
C08 A1CAE C . 13.98 -2.22 -20.96
C09 A1CAE C . 13.25 -1.21 -19.99
C31 A1CAE C . 15.04 -0.27 -24.23
N10 A1CAE C . 13.73 0.06 -19.53
N12 A1CAE C . 13.69 2.04 -17.95
N13 A1CAE C . 12.71 2.67 -17.20
N20 A1CAE C . 7.16 -2.06 -17.27
O01 A1CAE C . 13.52 -0.85 -27.80
O18 A1CAE C . 8.36 -0.16 -16.23
O25 A1CAE C . 6.15 -0.48 -15.93
O29 A1CAE C . 12.11 -1.56 -19.64
O32 A1CAE C . 14.93 0.92 -27.15
S02 A1CAE C . 14.67 -0.48 -27.06
#